data_5N18
#
_entry.id   5N18
#
_cell.length_a   46.484
_cell.length_b   35.997
_cell.length_c   64.495
_cell.angle_alpha   90.00
_cell.angle_beta   107.61
_cell.angle_gamma   90.00
#
_symmetry.space_group_name_H-M   'P 1 21 1'
#
loop_
_entity.id
_entity.type
_entity.pdbx_description
1 polymer 'Bromodomain-containing factor 1'
2 non-polymer 4-[8-methyl-3-[(4-methylphenyl)amino]imidazo[1,2-a]pyridin-2-yl]phenol
3 non-polymer GLYCEROL
4 water water
#
_entity_poly.entity_id   1
_entity_poly.type   'polypeptide(L)'
_entity_poly.pdbx_seq_one_letter_code
;AMGAAELRFCNQTIKELMSKKHYNYNFPFLAPVDTVALNIPNYNEIVKQPMDLGTIQSKLANNEYENADDFEKDVRLVFK
NCYLFNPEGTDVNMMGHRLEAVFDKKWAN
;
_entity_poly.pdbx_strand_id   A,B
#
# COMPACT_ATOMS: atom_id res chain seq x y z
N MET A 2 7.67 -14.81 -29.46
CA MET A 2 6.34 -14.44 -29.01
C MET A 2 5.49 -14.00 -30.20
N GLY A 3 4.19 -14.28 -30.14
CA GLY A 3 3.30 -13.86 -31.20
C GLY A 3 3.28 -12.35 -31.35
N ALA A 4 2.96 -11.90 -32.56
CA ALA A 4 3.03 -10.48 -32.88
C ALA A 4 2.11 -9.65 -31.99
N ALA A 5 0.86 -10.07 -31.86
CA ALA A 5 -0.08 -9.33 -31.03
C ALA A 5 0.32 -9.36 -29.56
N GLU A 6 0.82 -10.51 -29.08
CA GLU A 6 1.27 -10.60 -27.70
C GLU A 6 2.48 -9.72 -27.45
N LEU A 7 3.38 -9.62 -28.43
CA LEU A 7 4.54 -8.74 -28.30
C LEU A 7 4.11 -7.28 -28.26
N ARG A 8 3.17 -6.89 -29.12
CA ARG A 8 2.68 -5.51 -29.09
C ARG A 8 2.08 -5.17 -27.74
N PHE A 9 1.34 -6.10 -27.14
CA PHE A 9 0.69 -5.81 -25.87
C PHE A 9 1.72 -5.72 -24.73
N CYS A 10 2.74 -6.57 -24.76
CA CYS A 10 3.82 -6.45 -23.78
C CYS A 10 4.53 -5.11 -23.90
N ASN A 11 4.77 -4.66 -25.13
CA ASN A 11 5.42 -3.37 -25.34
C ASN A 11 4.54 -2.23 -24.82
N GLN A 12 3.24 -2.28 -25.12
CA GLN A 12 2.34 -1.25 -24.61
C GLN A 12 2.31 -1.25 -23.09
N THR A 13 2.40 -2.44 -22.48
CA THR A 13 2.32 -2.55 -21.03
C THR A 13 3.56 -1.95 -20.37
N ILE A 14 4.76 -2.29 -20.85
CA ILE A 14 5.97 -1.78 -20.22
C ILE A 14 6.10 -0.27 -20.43
N LYS A 15 5.68 0.23 -21.59
CA LYS A 15 5.70 1.68 -21.81
C LYS A 15 4.72 2.39 -20.88
N GLU A 16 3.55 1.78 -20.66
CA GLU A 16 2.59 2.36 -19.72
C GLU A 16 3.18 2.43 -18.31
N LEU A 17 3.87 1.37 -17.88
CA LEU A 17 4.42 1.35 -16.54
C LEU A 17 5.54 2.36 -16.35
N MET A 18 6.27 2.70 -17.41
CA MET A 18 7.40 3.62 -17.35
C MET A 18 7.04 5.06 -17.68
N SER A 19 5.81 5.32 -18.09
CA SER A 19 5.45 6.64 -18.61
C SER A 19 5.42 7.69 -17.50
N LYS A 20 5.69 8.94 -17.88
CA LYS A 20 5.66 10.06 -16.94
C LYS A 20 4.30 10.23 -16.28
N LYS A 21 3.23 9.72 -16.90
CA LYS A 21 1.91 9.74 -16.31
C LYS A 21 1.88 9.09 -14.94
N HIS A 22 2.81 8.15 -14.68
CA HIS A 22 2.92 7.48 -13.40
C HIS A 22 4.23 7.80 -12.68
N TYR A 23 4.85 8.95 -12.98
CA TYR A 23 6.17 9.25 -12.43
C TYR A 23 6.21 9.13 -10.92
N ASN A 24 5.15 9.60 -10.25
CA ASN A 24 5.15 9.65 -8.79
C ASN A 24 5.35 8.29 -8.14
N TYR A 25 5.05 7.20 -8.86
CA TYR A 25 5.27 5.88 -8.30
C TYR A 25 6.11 4.93 -9.14
N ASN A 26 6.65 5.38 -10.29
CA ASN A 26 7.52 4.51 -11.08
C ASN A 26 8.99 4.92 -11.08
N PHE A 27 9.33 6.12 -10.62
CA PHE A 27 10.71 6.57 -10.74
C PHE A 27 11.74 5.68 -10.04
N PRO A 28 11.47 5.06 -8.88
CA PRO A 28 12.49 4.16 -8.29
C PRO A 28 12.72 2.89 -9.09
N PHE A 29 11.87 2.56 -10.06
CA PHE A 29 11.91 1.26 -10.72
C PHE A 29 12.27 1.35 -12.20
N LEU A 30 12.66 2.54 -12.69
CA LEU A 30 12.93 2.72 -14.11
C LEU A 30 14.27 2.14 -14.53
N ALA A 31 15.24 2.11 -13.63
CA ALA A 31 16.59 1.63 -13.92
C ALA A 31 17.05 0.79 -12.75
N PRO A 32 18.10 -0.02 -12.93
CA PRO A 32 18.61 -0.83 -11.81
C PRO A 32 18.87 0.03 -10.57
N VAL A 33 18.59 -0.55 -9.41
CA VAL A 33 18.82 0.16 -8.15
C VAL A 33 20.28 0.56 -8.05
N ASP A 34 20.52 1.84 -7.77
CA ASP A 34 21.87 2.38 -7.64
C ASP A 34 22.28 2.25 -6.17
N THR A 35 22.88 1.11 -5.84
CA THR A 35 23.17 0.80 -4.44
C THR A 35 24.25 1.70 -3.87
N VAL A 36 25.15 2.22 -4.70
CA VAL A 36 26.17 3.14 -4.21
C VAL A 36 25.54 4.51 -3.90
N ALA A 37 24.75 5.04 -4.83
CA ALA A 37 24.12 6.33 -4.62
C ALA A 37 23.13 6.30 -3.46
N LEU A 38 22.47 5.16 -3.24
CA LEU A 38 21.48 5.04 -2.19
C LEU A 38 22.07 4.49 -0.88
N ASN A 39 23.36 4.17 -0.87
CA ASN A 39 24.04 3.74 0.36
C ASN A 39 23.42 2.46 0.92
N ILE A 40 23.14 1.50 0.05
CA ILE A 40 22.53 0.25 0.46
C ILE A 40 23.36 -0.95 0.00
N PRO A 41 24.52 -1.20 0.62
CA PRO A 41 25.29 -2.40 0.26
C PRO A 41 24.56 -3.69 0.57
N ASN A 42 23.53 -3.65 1.41
CA ASN A 42 22.78 -4.86 1.75
C ASN A 42 21.74 -5.23 0.71
N TYR A 43 21.45 -4.36 -0.25
CA TYR A 43 20.50 -4.70 -1.31
C TYR A 43 20.95 -5.95 -2.07
N ASN A 44 22.23 -6.01 -2.44
CA ASN A 44 22.74 -7.17 -3.15
C ASN A 44 22.86 -8.39 -2.24
N GLU A 45 22.88 -8.19 -0.92
CA GLU A 45 22.90 -9.31 0.01
C GLU A 45 21.49 -9.84 0.28
N ILE A 46 20.48 -9.01 0.09
CA ILE A 46 19.09 -9.36 0.34
C ILE A 46 18.39 -9.83 -0.93
N VAL A 47 18.57 -9.08 -2.02
CA VAL A 47 17.86 -9.29 -3.28
C VAL A 47 18.81 -10.05 -4.21
N LYS A 48 18.55 -11.35 -4.40
CA LYS A 48 19.43 -12.18 -5.21
C LYS A 48 19.14 -12.12 -6.69
N GLN A 49 17.94 -11.68 -7.10
CA GLN A 49 17.56 -11.57 -8.51
C GLN A 49 17.02 -10.16 -8.76
N PRO A 50 17.89 -9.16 -8.84
CA PRO A 50 17.41 -7.79 -9.08
C PRO A 50 16.75 -7.67 -10.44
N MET A 51 15.76 -6.76 -10.51
CA MET A 51 15.04 -6.52 -11.75
C MET A 51 14.44 -5.12 -11.71
N ASP A 52 14.32 -4.51 -12.88
CA ASP A 52 13.77 -3.16 -12.99
C ASP A 52 13.05 -3.05 -14.34
N LEU A 53 12.24 -2.00 -14.47
CA LEU A 53 11.40 -1.85 -15.66
C LEU A 53 12.24 -1.60 -16.92
N GLY A 54 13.32 -0.83 -16.79
CA GLY A 54 14.17 -0.58 -17.94
C GLY A 54 14.81 -1.84 -18.48
N THR A 55 15.25 -2.73 -17.57
CA THR A 55 15.81 -4.00 -18.00
C THR A 55 14.76 -4.87 -18.69
N ILE A 56 13.53 -4.87 -18.17
CA ILE A 56 12.45 -5.61 -18.80
C ILE A 56 12.19 -5.08 -20.21
N GLN A 57 12.14 -3.75 -20.35
CA GLN A 57 11.95 -3.17 -21.68
C GLN A 57 13.06 -3.59 -22.63
N SER A 58 14.29 -3.66 -22.14
CA SER A 58 15.41 -4.08 -22.98
C SER A 58 15.31 -5.56 -23.33
N LYS A 59 14.99 -6.41 -22.35
CA LYS A 59 14.85 -7.84 -22.62
C LYS A 59 13.75 -8.07 -23.66
N LEU A 60 12.67 -7.30 -23.59
CA LEU A 60 11.60 -7.42 -24.56
C LEU A 60 12.08 -7.03 -25.96
N ALA A 61 12.78 -5.90 -26.06
CA ALA A 61 13.27 -5.44 -27.36
C ALA A 61 14.29 -6.41 -27.96
N ASN A 62 15.03 -7.14 -27.12
CA ASN A 62 16.06 -8.05 -27.58
C ASN A 62 15.58 -9.49 -27.70
N ASN A 63 14.26 -9.71 -27.73
CA ASN A 63 13.67 -11.02 -28.00
C ASN A 63 13.99 -12.05 -26.92
N GLU A 64 13.98 -11.63 -25.66
CA GLU A 64 14.32 -12.52 -24.56
C GLU A 64 13.11 -13.04 -23.79
N TYR A 65 11.89 -12.71 -24.20
CA TYR A 65 10.67 -13.27 -23.62
C TYR A 65 9.99 -14.12 -24.69
N GLU A 66 9.93 -15.43 -24.46
CA GLU A 66 9.32 -16.33 -25.43
C GLU A 66 7.80 -16.32 -25.36
N ASN A 67 7.22 -15.87 -24.25
CA ASN A 67 5.78 -15.70 -24.16
C ASN A 67 5.47 -14.66 -23.09
N ALA A 68 4.18 -14.30 -22.99
CA ALA A 68 3.78 -13.23 -22.09
C ALA A 68 3.97 -13.62 -20.62
N ASP A 69 3.92 -14.91 -20.31
CA ASP A 69 4.09 -15.33 -18.92
C ASP A 69 5.49 -15.03 -18.39
N ASP A 70 6.51 -15.22 -19.23
CA ASP A 70 7.87 -14.88 -18.80
C ASP A 70 8.02 -13.37 -18.59
N PHE A 71 7.36 -12.58 -19.44
CA PHE A 71 7.35 -11.13 -19.25
C PHE A 71 6.69 -10.77 -17.92
N GLU A 72 5.55 -11.39 -17.62
CA GLU A 72 4.86 -11.09 -16.37
C GLU A 72 5.71 -11.47 -15.17
N LYS A 73 6.43 -12.60 -15.25
CA LYS A 73 7.24 -13.04 -14.12
C LYS A 73 8.29 -11.99 -13.75
N ASP A 74 8.91 -11.36 -14.75
CA ASP A 74 9.90 -10.32 -14.46
C ASP A 74 9.26 -9.07 -13.88
N VAL A 75 8.09 -8.68 -14.40
CA VAL A 75 7.39 -7.52 -13.84
C VAL A 75 7.05 -7.77 -12.37
N ARG A 76 6.51 -8.95 -12.07
CA ARG A 76 6.20 -9.29 -10.68
C ARG A 76 7.46 -9.29 -9.81
N LEU A 77 8.60 -9.68 -10.39
CA LEU A 77 9.84 -9.73 -9.62
C LEU A 77 10.27 -8.34 -9.16
N VAL A 78 10.05 -7.32 -10.01
CA VAL A 78 10.33 -5.94 -9.61
C VAL A 78 9.61 -5.62 -8.30
N PHE A 79 8.33 -5.98 -8.23
CA PHE A 79 7.53 -5.64 -7.06
C PHE A 79 7.86 -6.54 -5.86
N LYS A 80 8.10 -7.83 -6.10
CA LYS A 80 8.53 -8.71 -5.02
C LYS A 80 9.78 -8.17 -4.33
N ASN A 81 10.79 -7.79 -5.13
CA ASN A 81 12.01 -7.24 -4.56
C ASN A 81 11.74 -5.94 -3.82
N CYS A 82 10.84 -5.10 -4.37
CA CYS A 82 10.46 -3.87 -3.70
C CYS A 82 9.90 -4.14 -2.31
N TYR A 83 8.95 -5.06 -2.21
CA TYR A 83 8.31 -5.35 -0.93
C TYR A 83 9.29 -6.00 0.03
N LEU A 84 10.27 -6.74 -0.48
CA LEU A 84 11.25 -7.37 0.40
C LEU A 84 12.21 -6.34 0.99
N PHE A 85 12.68 -5.40 0.17
CA PHE A 85 13.66 -4.43 0.66
C PHE A 85 13.04 -3.24 1.36
N ASN A 86 11.85 -2.81 0.94
CA ASN A 86 11.21 -1.63 1.49
C ASN A 86 10.06 -2.05 2.39
N PRO A 87 10.15 -1.85 3.71
CA PRO A 87 9.08 -2.32 4.60
C PRO A 87 7.74 -1.65 4.32
N GLU A 88 6.67 -2.36 4.65
CA GLU A 88 5.32 -1.82 4.54
C GLU A 88 5.23 -0.50 5.30
N GLY A 89 4.59 0.48 4.66
CA GLY A 89 4.43 1.80 5.24
C GLY A 89 5.44 2.83 4.75
N THR A 90 6.55 2.39 4.16
CA THR A 90 7.53 3.33 3.66
C THR A 90 7.13 3.86 2.28
N ASP A 91 7.76 4.97 1.88
CA ASP A 91 7.36 5.66 0.67
C ASP A 91 7.53 4.79 -0.58
N VAL A 92 8.70 4.15 -0.71
CA VAL A 92 8.96 3.36 -1.91
C VAL A 92 8.08 2.10 -1.93
N ASN A 93 7.80 1.52 -0.75
CA ASN A 93 6.88 0.39 -0.68
C ASN A 93 5.50 0.77 -1.21
N MET A 94 5.00 1.93 -0.80
CA MET A 94 3.69 2.37 -1.28
C MET A 94 3.70 2.59 -2.79
N MET A 95 4.80 3.12 -3.32
CA MET A 95 4.91 3.30 -4.77
C MET A 95 4.84 1.96 -5.49
N GLY A 96 5.50 0.93 -4.94
CA GLY A 96 5.43 -0.38 -5.55
C GLY A 96 4.02 -0.92 -5.61
N HIS A 97 3.28 -0.80 -4.50
CA HIS A 97 1.89 -1.25 -4.48
C HIS A 97 1.07 -0.56 -5.56
N ARG A 98 1.23 0.75 -5.71
CA ARG A 98 0.38 1.49 -6.63
C ARG A 98 0.77 1.24 -8.07
N LEU A 99 2.05 1.06 -8.36
CA LEU A 99 2.45 0.73 -9.72
C LEU A 99 2.03 -0.68 -10.09
N GLU A 100 2.11 -1.62 -9.15
CA GLU A 100 1.62 -2.98 -9.43
C GLU A 100 0.12 -2.99 -9.68
N ALA A 101 -0.62 -2.08 -9.06
CA ALA A 101 -2.04 -1.97 -9.34
C ALA A 101 -2.29 -1.47 -10.77
N VAL A 102 -1.43 -0.57 -11.25
CA VAL A 102 -1.51 -0.15 -12.65
C VAL A 102 -1.28 -1.34 -13.57
N PHE A 103 -0.29 -2.17 -13.24
CA PHE A 103 -0.01 -3.36 -14.04
C PHE A 103 -1.19 -4.33 -14.01
N ASP A 104 -1.76 -4.55 -12.83
CA ASP A 104 -2.89 -5.47 -12.71
C ASP A 104 -4.07 -5.02 -13.58
N LYS A 105 -4.34 -3.71 -13.60
CA LYS A 105 -5.46 -3.21 -14.39
C LYS A 105 -5.23 -3.43 -15.89
N LYS A 106 -4.01 -3.17 -16.35
CA LYS A 106 -3.71 -3.33 -17.77
C LYS A 106 -3.59 -4.80 -18.15
N TRP A 107 -2.99 -5.61 -17.27
CA TRP A 107 -2.64 -6.99 -17.59
C TRP A 107 -3.78 -7.96 -17.28
N MET B 2 -10.31 -5.96 -4.87
CA MET B 2 -11.73 -6.26 -4.70
C MET B 2 -12.54 -5.74 -5.88
N GLY B 3 -13.83 -6.09 -5.89
CA GLY B 3 -14.70 -5.62 -6.95
C GLY B 3 -14.94 -4.13 -6.91
N ALA B 4 -15.39 -3.59 -8.06
CA ALA B 4 -15.52 -2.14 -8.20
C ALA B 4 -16.55 -1.57 -7.24
N ALA B 5 -17.70 -2.24 -7.09
CA ALA B 5 -18.72 -1.76 -6.17
C ALA B 5 -18.23 -1.79 -4.73
N GLU B 6 -17.54 -2.87 -4.35
CA GLU B 6 -17.01 -2.95 -2.98
C GLU B 6 -15.94 -1.88 -2.75
N LEU B 7 -15.11 -1.61 -3.76
CA LEU B 7 -14.08 -0.58 -3.60
C LEU B 7 -14.70 0.80 -3.44
N ARG B 8 -15.73 1.11 -4.23
CA ARG B 8 -16.46 2.36 -4.05
C ARG B 8 -17.00 2.48 -2.63
N PHE B 9 -17.57 1.39 -2.11
CA PHE B 9 -18.18 1.42 -0.78
C PHE B 9 -17.12 1.59 0.31
N CYS B 10 -16.00 0.89 0.18
CA CYS B 10 -14.93 1.03 1.17
C CYS B 10 -14.34 2.44 1.14
N ASN B 11 -14.17 3.01 -0.06
CA ASN B 11 -13.67 4.37 -0.17
C ASN B 11 -14.61 5.37 0.48
N GLN B 12 -15.92 5.24 0.20
CA GLN B 12 -16.90 6.09 0.86
C GLN B 12 -16.81 5.96 2.37
N THR B 13 -16.60 4.74 2.86
CA THR B 13 -16.62 4.49 4.30
C THR B 13 -15.42 5.13 4.99
N ILE B 14 -14.22 4.93 4.45
CA ILE B 14 -13.03 5.48 5.10
C ILE B 14 -13.01 7.00 5.02
N LYS B 15 -13.50 7.57 3.91
CA LYS B 15 -13.57 9.02 3.81
C LYS B 15 -14.57 9.59 4.80
N GLU B 16 -15.70 8.90 4.99
CA GLU B 16 -16.69 9.34 5.98
C GLU B 16 -16.10 9.31 7.39
N LEU B 17 -15.37 8.23 7.72
CA LEU B 17 -14.82 8.11 9.07
C LEU B 17 -13.78 9.16 9.37
N MET B 18 -13.02 9.60 8.36
CA MET B 18 -11.94 10.57 8.54
C MET B 18 -12.39 12.01 8.36
N SER B 19 -13.63 12.24 7.92
CA SER B 19 -14.09 13.58 7.60
C SER B 19 -14.05 14.50 8.80
N LYS B 20 -13.73 15.78 8.55
CA LYS B 20 -13.75 16.79 9.59
C LYS B 20 -15.13 16.99 10.20
N LYS B 21 -16.19 16.50 9.53
CA LYS B 21 -17.51 16.48 10.12
C LYS B 21 -17.53 15.75 11.46
N HIS B 22 -16.59 14.81 11.66
CA HIS B 22 -16.47 14.05 12.89
C HIS B 22 -15.19 14.38 13.66
N TYR B 23 -14.60 15.55 13.43
CA TYR B 23 -13.26 15.83 13.95
C TYR B 23 -13.16 15.60 15.45
N ASN B 24 -14.13 16.11 16.21
CA ASN B 24 -14.01 16.11 17.67
C ASN B 24 -13.90 14.71 18.27
N TYR B 25 -14.24 13.68 17.51
CA TYR B 25 -14.10 12.31 17.99
C TYR B 25 -13.36 11.37 17.05
N ASN B 26 -12.85 11.85 15.91
CA ASN B 26 -11.99 11.02 15.07
C ASN B 26 -10.52 11.43 15.09
N PHE B 27 -10.19 12.59 15.65
CA PHE B 27 -8.80 13.05 15.60
C PHE B 27 -7.78 12.08 16.23
N PRO B 28 -8.07 11.35 17.31
CA PRO B 28 -7.06 10.41 17.83
C PRO B 28 -6.77 9.25 16.90
N PHE B 29 -7.59 9.01 15.88
CA PHE B 29 -7.51 7.80 15.07
C PHE B 29 -7.06 8.06 13.64
N LEU B 30 -6.68 9.30 13.31
CA LEU B 30 -6.38 9.65 11.93
C LEU B 30 -4.99 9.20 11.48
N ALA B 31 -4.03 9.15 12.39
CA ALA B 31 -2.63 8.91 12.04
C ALA B 31 -2.00 8.02 13.09
N PRO B 32 -0.90 7.34 12.76
CA PRO B 32 -0.19 6.53 13.76
C PRO B 32 0.18 7.35 14.98
N VAL B 33 0.19 6.67 16.14
CA VAL B 33 0.46 7.35 17.41
C VAL B 33 1.91 7.76 17.50
N ASP B 34 2.15 9.01 17.87
CA ASP B 34 3.47 9.50 18.26
C ASP B 34 3.50 9.48 19.79
N THR B 35 4.20 8.51 20.37
CA THR B 35 4.14 8.32 21.81
C THR B 35 4.73 9.49 22.58
N VAL B 36 5.76 10.14 22.03
CA VAL B 36 6.35 11.29 22.71
C VAL B 36 5.43 12.50 22.64
N ALA B 37 4.91 12.79 21.45
CA ALA B 37 4.08 13.99 21.27
C ALA B 37 2.78 13.90 22.06
N LEU B 38 2.26 12.70 22.28
CA LEU B 38 1.03 12.51 23.02
C LEU B 38 1.28 12.08 24.47
N ASN B 39 2.54 11.92 24.87
CA ASN B 39 2.92 11.56 26.23
C ASN B 39 2.27 10.25 26.68
N ILE B 40 2.34 9.24 25.82
CA ILE B 40 1.86 7.90 26.14
C ILE B 40 2.96 6.88 25.87
N PRO B 41 4.00 6.84 26.70
CA PRO B 41 5.18 6.02 26.38
C PRO B 41 4.93 4.52 26.40
N ASN B 42 3.82 4.06 26.95
CA ASN B 42 3.51 2.64 27.03
C ASN B 42 2.55 2.18 25.93
N TYR B 43 2.26 3.04 24.94
CA TYR B 43 1.28 2.68 23.92
C TYR B 43 1.68 1.41 23.18
N ASN B 44 2.90 1.37 22.64
CA ASN B 44 3.35 0.23 21.87
C ASN B 44 3.73 -0.97 22.75
N GLU B 45 3.85 -0.77 24.06
CA GLU B 45 4.03 -1.88 24.97
C GLU B 45 2.74 -2.65 25.20
N ILE B 46 1.60 -1.98 25.07
CA ILE B 46 0.28 -2.59 25.24
C ILE B 46 -0.34 -2.98 23.91
N VAL B 47 -0.26 -2.10 22.91
CA VAL B 47 -0.89 -2.32 21.61
C VAL B 47 0.15 -2.94 20.69
N LYS B 48 0.01 -4.25 20.42
CA LYS B 48 0.99 -4.97 19.61
C LYS B 48 0.76 -4.82 18.13
N GLN B 49 -0.47 -4.54 17.69
CA GLN B 49 -0.83 -4.44 16.29
C GLN B 49 -1.49 -3.09 16.05
N PRO B 50 -0.73 -2.01 16.03
CA PRO B 50 -1.33 -0.68 15.88
C PRO B 50 -1.98 -0.51 14.51
N MET B 51 -3.02 0.31 14.47
CA MET B 51 -3.73 0.60 13.24
C MET B 51 -4.44 1.93 13.38
N ASP B 52 -4.53 2.68 12.28
CA ASP B 52 -5.17 3.98 12.27
C ASP B 52 -5.88 4.16 10.93
N LEU B 53 -6.77 5.14 10.89
CA LEU B 53 -7.61 5.33 9.70
C LEU B 53 -6.80 5.78 8.49
N GLY B 54 -5.77 6.61 8.72
CA GLY B 54 -4.93 7.03 7.60
C GLY B 54 -4.18 5.88 6.96
N THR B 55 -3.70 4.94 7.78
CA THR B 55 -3.05 3.75 7.25
C THR B 55 -4.02 2.90 6.45
N ILE B 56 -5.26 2.78 6.93
CA ILE B 56 -6.28 2.02 6.20
C ILE B 56 -6.57 2.69 4.85
N GLN B 57 -6.73 4.02 4.85
CA GLN B 57 -6.95 4.74 3.61
C GLN B 57 -5.80 4.51 2.63
N SER B 58 -4.56 4.49 3.13
CA SER B 58 -3.42 4.24 2.27
C SER B 58 -3.43 2.83 1.71
N LYS B 59 -3.69 1.83 2.57
CA LYS B 59 -3.74 0.45 2.11
C LYS B 59 -4.83 0.25 1.07
N LEU B 60 -5.98 0.91 1.26
CA LEU B 60 -7.06 0.84 0.28
C LEU B 60 -6.63 1.45 -1.05
N ALA B 61 -6.00 2.63 -1.01
CA ALA B 61 -5.50 3.25 -2.22
C ALA B 61 -4.38 2.44 -2.85
N ASN B 62 -3.63 1.69 -2.03
CA ASN B 62 -2.56 0.83 -2.52
C ASN B 62 -3.06 -0.50 -3.08
N ASN B 63 -4.39 -0.70 -3.14
CA ASN B 63 -4.97 -1.93 -3.69
C ASN B 63 -4.61 -3.15 -2.85
N GLU B 64 -4.42 -2.97 -1.54
CA GLU B 64 -3.94 -4.07 -0.71
C GLU B 64 -5.08 -4.99 -0.25
N TYR B 65 -6.28 -4.46 -0.03
CA TYR B 65 -7.38 -5.28 0.49
C TYR B 65 -7.98 -6.13 -0.63
N GLU B 66 -8.09 -7.43 -0.36
CA GLU B 66 -8.64 -8.36 -1.35
C GLU B 66 -10.15 -8.32 -1.38
N ASN B 67 -10.79 -8.04 -0.25
CA ASN B 67 -12.24 -7.99 -0.17
C ASN B 67 -12.63 -7.03 0.95
N ALA B 68 -13.93 -6.77 1.05
CA ALA B 68 -14.41 -5.85 2.08
C ALA B 68 -14.18 -6.37 3.49
N ASP B 69 -14.04 -7.69 3.66
CA ASP B 69 -13.84 -8.25 4.99
C ASP B 69 -12.48 -7.86 5.56
N ASP B 70 -11.43 -7.92 4.74
CA ASP B 70 -10.11 -7.51 5.21
C ASP B 70 -10.09 -6.04 5.57
N PHE B 71 -10.82 -5.21 4.81
CA PHE B 71 -10.96 -3.80 5.15
C PHE B 71 -11.66 -3.64 6.51
N GLU B 72 -12.78 -4.35 6.70
CA GLU B 72 -13.51 -4.26 7.96
C GLU B 72 -12.65 -4.70 9.14
N LYS B 73 -11.83 -5.75 8.94
CA LYS B 73 -10.98 -6.22 10.03
C LYS B 73 -10.04 -5.14 10.53
N ASP B 74 -9.46 -4.36 9.60
CA ASP B 74 -8.56 -3.28 10.01
C ASP B 74 -9.31 -2.16 10.71
N VAL B 75 -10.51 -1.82 10.24
CA VAL B 75 -11.30 -0.80 10.92
C VAL B 75 -11.64 -1.25 12.33
N ARG B 76 -12.10 -2.50 12.47
CA ARG B 76 -12.41 -3.03 13.80
C ARG B 76 -11.18 -3.06 14.69
N LEU B 77 -9.99 -3.27 14.10
CA LEU B 77 -8.76 -3.28 14.89
C LEU B 77 -8.47 -1.92 15.49
N VAL B 78 -8.77 -0.84 14.77
CA VAL B 78 -8.62 0.50 15.31
C VAL B 78 -9.41 0.64 16.62
N PHE B 79 -10.63 0.14 16.62
CA PHE B 79 -11.47 0.29 17.80
C PHE B 79 -11.09 -0.69 18.90
N LYS B 80 -10.70 -1.92 18.53
CA LYS B 80 -10.22 -2.87 19.53
C LYS B 80 -9.01 -2.30 20.28
N ASN B 81 -8.05 -1.73 19.54
CA ASN B 81 -6.90 -1.11 20.19
C ASN B 81 -7.33 0.06 21.08
N CYS B 82 -8.33 0.81 20.62
CA CYS B 82 -8.79 1.96 21.40
C CYS B 82 -9.29 1.54 22.77
N TYR B 83 -10.13 0.50 22.82
CA TYR B 83 -10.72 0.07 24.09
C TYR B 83 -9.75 -0.74 24.95
N LEU B 84 -8.69 -1.27 24.35
CA LEU B 84 -7.65 -1.92 25.14
C LEU B 84 -6.75 -0.90 25.82
N PHE B 85 -6.29 0.11 25.08
CA PHE B 85 -5.37 1.06 25.65
C PHE B 85 -6.06 2.08 26.55
N ASN B 86 -7.27 2.53 26.18
CA ASN B 86 -7.96 3.58 26.90
C ASN B 86 -9.04 2.98 27.78
N PRO B 87 -8.93 3.05 29.10
CA PRO B 87 -9.92 2.43 29.97
C PRO B 87 -11.26 3.16 29.96
N GLU B 88 -12.23 2.54 30.63
CA GLU B 88 -13.57 3.09 30.73
C GLU B 88 -13.54 4.51 31.27
N GLY B 89 -14.35 5.38 30.67
CA GLY B 89 -14.51 6.75 31.12
C GLY B 89 -13.49 7.73 30.58
N THR B 90 -12.41 7.26 29.98
CA THR B 90 -11.42 8.15 29.42
C THR B 90 -11.93 8.77 28.13
N ASP B 91 -11.40 9.95 27.79
CA ASP B 91 -11.91 10.71 26.66
C ASP B 91 -11.80 9.92 25.36
N VAL B 92 -10.64 9.29 25.13
CA VAL B 92 -10.43 8.61 23.85
C VAL B 92 -11.24 7.33 23.75
N ASN B 93 -11.44 6.62 24.86
CA ASN B 93 -12.36 5.48 24.84
C ASN B 93 -13.74 5.90 24.36
N MET B 94 -14.26 6.99 24.93
CA MET B 94 -15.60 7.45 24.56
C MET B 94 -15.65 7.93 23.11
N MET B 95 -14.62 8.64 22.66
CA MET B 95 -14.56 9.05 21.26
C MET B 95 -14.60 7.84 20.34
N GLY B 96 -13.91 6.76 20.70
CA GLY B 96 -13.91 5.57 19.89
C GLY B 96 -15.30 5.00 19.71
N HIS B 97 -16.08 4.93 20.79
CA HIS B 97 -17.43 4.40 20.69
C HIS B 97 -18.29 5.28 19.79
N ARG B 98 -18.11 6.60 19.85
CA ARG B 98 -18.91 7.47 19.00
C ARG B 98 -18.55 7.28 17.53
N LEU B 99 -17.25 7.13 17.23
CA LEU B 99 -16.85 6.94 15.84
C LEU B 99 -17.22 5.55 15.34
N GLU B 100 -17.14 4.53 16.20
CA GLU B 100 -17.55 3.20 15.79
C GLU B 100 -19.04 3.14 15.49
N ALA B 101 -19.85 3.95 16.17
CA ALA B 101 -21.26 4.04 15.84
C ALA B 101 -21.46 4.63 14.44
N VAL B 102 -20.60 5.56 14.04
CA VAL B 102 -20.64 6.07 12.67
C VAL B 102 -20.32 4.96 11.67
N PHE B 103 -19.27 4.18 11.97
CA PHE B 103 -18.93 3.05 11.11
C PHE B 103 -20.08 2.06 11.02
N ASP B 104 -20.67 1.69 12.16
CA ASP B 104 -21.75 0.72 12.16
C ASP B 104 -22.94 1.21 11.34
N LYS B 105 -23.22 2.52 11.37
CA LYS B 105 -24.34 3.06 10.63
C LYS B 105 -24.09 2.99 9.12
N LYS B 106 -22.85 3.28 8.70
CA LYS B 106 -22.50 3.20 7.29
C LYS B 106 -22.34 1.76 6.83
N TRP B 107 -21.65 0.95 7.61
CA TRP B 107 -21.29 -0.41 7.22
C TRP B 107 -22.46 -1.37 7.42
#